data_6VB5
#
_entry.id   6VB5
#
_cell.length_a   50.825
_cell.length_b   81.277
_cell.length_c   109.430
_cell.angle_alpha   90.000
_cell.angle_beta   90.000
_cell.angle_gamma   90.000
#
_symmetry.space_group_name_H-M   'P 21 21 21'
#
loop_
_entity.id
_entity.type
_entity.pdbx_description
1 polymer 'MHC class I antigen'
2 polymer Beta-2-microglobulin
3 polymer 'Synthetic peptide THR-VAL-ARG-ALA-SER-GLY-HIS-SER-TYR'
4 non-polymer 'ACETATE ION'
5 non-polymer GLYCEROL
6 non-polymer 1,2-ETHANEDIOL
7 non-polymer 'SODIUM ION'
8 water water
#
loop_
_entity_poly.entity_id
_entity_poly.type
_entity_poly.pdbx_seq_one_letter_code
_entity_poly.pdbx_strand_id
1 'polypeptide(L)'
;GSHSMRYFYTAMSRPGRGEPRFIAVGYVDDTQFVRFDSDAASPRMAPRAPWIEQEGPEYWDRNTQISKTNTQTYRESLRN
LRGYYNQSEAGSHIIQRMYGCDVGPDGRLLRGYDQSAYDGKDYIALNEDLSSWTAADTAAQITQRKWEAAREAEQLRAYL
EGLCVEWLRRYLENGKETLQRADPPKTHVTHHPISDHEATLRCWALGFYPAEITLTWQRDGEDQTQDTELVETRPAGDRT
FQKWAAVVVPSGEEQRYTCHVQHEGLPKPLTLRWEP
;
A
2 'polypeptide(L)'
;MIQRTPKIQVYSRHPAENGKSNFLNCYVSGFHPSDIEVDLLKNGERIEKVEHSDLSFSKDWSFYLLYYTEFTPTEKDEYA
CRVNHVTLSQPKIVKWDRD
;
B
3 'polypeptide(L)' TVRASGHSY C
#
loop_
_chem_comp.id
_chem_comp.type
_chem_comp.name
_chem_comp.formula
ACT non-polymer 'ACETATE ION' 'C2 H3 O2 -1'
EDO non-polymer 1,2-ETHANEDIOL 'C2 H6 O2'
GOL non-polymer GLYCEROL 'C3 H8 O3'
NA non-polymer 'SODIUM ION' 'Na 1'
#
# COMPACT_ATOMS: atom_id res chain seq x y z
N GLY A 1 -5.41 5.42 19.64
CA GLY A 1 -5.64 3.98 19.70
C GLY A 1 -4.39 3.14 19.54
N SER A 2 -4.48 2.08 18.74
CA SER A 2 -3.35 1.22 18.48
C SER A 2 -2.56 1.74 17.29
N HIS A 3 -1.29 1.35 17.22
CA HIS A 3 -0.42 1.82 16.15
C HIS A 3 0.50 0.70 15.68
N SER A 4 0.98 0.85 14.44
CA SER A 4 1.94 -0.07 13.88
C SER A 4 3.09 0.67 13.23
N MET A 5 4.26 0.03 13.24
CA MET A 5 5.39 0.37 12.39
C MET A 5 5.70 -0.84 11.51
N ARG A 6 5.90 -0.59 10.22
CA ARG A 6 6.22 -1.66 9.27
C ARG A 6 7.28 -1.17 8.31
N TYR A 7 8.23 -2.05 8.01
CA TYR A 7 9.16 -1.87 6.91
C TYR A 7 8.86 -2.89 5.82
N PHE A 8 8.87 -2.43 4.57
CA PHE A 8 8.58 -3.24 3.40
C PHE A 8 9.81 -3.25 2.50
N TYR A 9 10.38 -4.44 2.29
CA TYR A 9 11.54 -4.64 1.44
C TYR A 9 11.09 -5.36 0.18
N THR A 10 11.56 -4.87 -0.97
CA THR A 10 11.36 -5.53 -2.26
C THR A 10 12.73 -5.62 -2.93
N ALA A 11 13.14 -6.83 -3.25
CA ALA A 11 14.37 -7.10 -3.98
C ALA A 11 14.01 -7.84 -5.25
N MET A 12 14.44 -7.31 -6.40
CA MET A 12 14.01 -7.78 -7.70
C MET A 12 15.21 -8.00 -8.60
N SER A 13 15.39 -9.23 -9.09
CA SER A 13 16.44 -9.47 -10.06
C SER A 13 15.97 -9.10 -11.46
N ARG A 14 16.93 -8.92 -12.36
CA ARG A 14 16.66 -8.45 -13.71
C ARG A 14 17.83 -8.87 -14.60
N PRO A 15 17.96 -10.15 -14.93
CA PRO A 15 19.18 -10.62 -15.60
C PRO A 15 19.37 -9.94 -16.95
N GLY A 16 20.62 -9.63 -17.26
CA GLY A 16 20.94 -8.85 -18.46
C GLY A 16 20.77 -7.36 -18.29
N ARG A 17 20.24 -6.90 -17.14
CA ARG A 17 19.95 -5.50 -16.89
C ARG A 17 20.55 -5.03 -15.58
N GLY A 18 21.71 -5.56 -15.24
CA GLY A 18 22.38 -5.14 -14.02
C GLY A 18 21.97 -5.99 -12.83
N GLU A 19 22.46 -5.55 -11.67
CA GLU A 19 22.28 -6.27 -10.42
C GLU A 19 20.88 -6.03 -9.84
N PRO A 20 20.38 -6.93 -8.99
CA PRO A 20 19.02 -6.76 -8.46
C PRO A 20 18.81 -5.45 -7.71
N ARG A 21 17.68 -4.83 -7.95
CA ARG A 21 17.26 -3.61 -7.25
C ARG A 21 16.73 -3.96 -5.86
N PHE A 22 17.11 -3.15 -4.86
CA PHE A 22 16.60 -3.28 -3.50
C PHE A 22 15.92 -1.97 -3.09
N ILE A 23 14.64 -2.06 -2.72
CA ILE A 23 13.85 -0.92 -2.26
C ILE A 23 13.31 -1.23 -0.86
N ALA A 24 13.42 -0.25 0.04
CA ALA A 24 12.86 -0.31 1.38
C ALA A 24 12.05 0.95 1.65
N VAL A 25 10.85 0.77 2.22
CA VAL A 25 10.02 1.88 2.69
C VAL A 25 9.56 1.58 4.10
N GLY A 26 9.51 2.61 4.94
CA GLY A 26 9.04 2.48 6.32
C GLY A 26 7.73 3.23 6.47
N TYR A 27 6.79 2.63 7.21
CA TYR A 27 5.50 3.23 7.53
C TYR A 27 5.28 3.27 9.04
N VAL A 28 4.61 4.33 9.50
CA VAL A 28 3.87 4.30 10.76
C VAL A 28 2.39 4.43 10.42
N ASP A 29 1.61 3.42 10.83
CA ASP A 29 0.22 3.28 10.40
C ASP A 29 0.14 3.40 8.88
N ASP A 30 -0.64 4.35 8.36
CA ASP A 30 -0.76 4.53 6.93
C ASP A 30 0.07 5.70 6.42
N THR A 31 1.12 6.10 7.16
CA THR A 31 1.96 7.23 6.81
C THR A 31 3.38 6.72 6.50
N GLN A 32 3.79 6.82 5.23
CA GLN A 32 5.17 6.52 4.88
C GLN A 32 6.10 7.58 5.45
N PHE A 33 7.22 7.16 6.06
CA PHE A 33 8.15 8.16 6.58
C PHE A 33 9.61 8.04 6.09
N VAL A 34 10.03 6.91 5.50
CA VAL A 34 11.37 6.80 4.90
C VAL A 34 11.30 5.94 3.63
N ARG A 35 12.34 6.08 2.82
CA ARG A 35 12.56 5.24 1.65
C ARG A 35 14.06 5.11 1.37
N PHE A 36 14.42 4.01 0.72
CA PHE A 36 15.75 3.71 0.21
C PHE A 36 15.58 2.96 -1.10
N ASP A 37 16.43 3.29 -2.08
CA ASP A 37 16.36 2.70 -3.41
C ASP A 37 17.77 2.50 -3.92
N SER A 38 18.19 1.25 -4.12
CA SER A 38 19.56 1.01 -4.52
C SER A 38 19.86 1.53 -5.93
N ASP A 39 18.83 1.89 -6.70
CA ASP A 39 19.03 2.44 -8.04
C ASP A 39 19.28 3.95 -8.04
N ALA A 40 19.15 4.63 -6.90
CA ALA A 40 19.38 6.06 -6.86
C ALA A 40 20.84 6.39 -7.18
N ALA A 41 21.03 7.56 -7.80
CA ALA A 41 22.39 8.03 -8.09
C ALA A 41 23.28 7.92 -6.85
N SER A 42 22.77 8.36 -5.70
CA SER A 42 23.46 8.16 -4.42
C SER A 42 22.44 7.61 -3.42
N PRO A 43 22.37 6.29 -3.28
CA PRO A 43 21.36 5.68 -2.41
C PRO A 43 21.58 6.03 -0.94
N ARG A 44 20.51 6.50 -0.30
CA ARG A 44 20.50 6.69 1.15
C ARG A 44 19.08 6.50 1.64
N MET A 45 18.94 6.16 2.92
CA MET A 45 17.64 6.32 3.55
C MET A 45 17.28 7.80 3.57
N ALA A 46 16.12 8.15 3.01
CA ALA A 46 15.72 9.53 2.84
C ALA A 46 14.37 9.80 3.52
N PRO A 47 14.17 11.01 4.05
CA PRO A 47 12.92 11.30 4.75
C PRO A 47 11.73 11.41 3.80
N ARG A 48 10.58 10.95 4.25
CA ARG A 48 9.35 11.06 3.49
C ARG A 48 8.20 11.62 4.31
N ALA A 49 8.44 11.97 5.57
CA ALA A 49 7.46 12.58 6.44
C ALA A 49 8.17 13.70 7.19
N PRO A 50 7.50 14.83 7.44
CA PRO A 50 8.21 15.96 8.06
C PRO A 50 8.76 15.65 9.44
N TRP A 51 8.04 14.87 10.24
CA TRP A 51 8.45 14.61 11.63
C TRP A 51 9.67 13.69 11.74
N ILE A 52 10.10 13.04 10.66
CA ILE A 52 11.37 12.30 10.71
C ILE A 52 12.57 13.17 10.38
N GLU A 53 12.36 14.36 9.80
CA GLU A 53 13.48 15.17 9.33
C GLU A 53 14.42 15.58 10.46
N GLN A 54 13.90 15.70 11.68
CA GLN A 54 14.70 16.16 12.81
C GLN A 54 15.71 15.11 13.29
N GLU A 55 15.63 13.87 12.82
CA GLU A 55 16.58 12.87 13.29
C GLU A 55 18.00 13.25 12.86
N GLY A 56 18.98 12.90 13.68
CA GLY A 56 20.33 13.34 13.49
C GLY A 56 21.14 12.51 12.51
N PRO A 57 22.36 12.95 12.20
CA PRO A 57 23.14 12.26 11.17
C PRO A 57 23.44 10.81 11.50
N GLU A 58 23.62 10.48 12.78
CA GLU A 58 23.87 9.09 13.16
C GLU A 58 22.69 8.20 12.81
N TYR A 59 21.47 8.73 12.92
CA TYR A 59 20.27 7.99 12.49
C TYR A 59 20.32 7.71 10.99
N TRP A 60 20.50 8.77 10.19
CA TRP A 60 20.47 8.61 8.74
C TRP A 60 21.63 7.73 8.27
N ASP A 61 22.80 7.85 8.89
CA ASP A 61 23.93 7.03 8.48
C ASP A 61 23.70 5.57 8.86
N ARG A 62 23.11 5.30 10.01
CA ARG A 62 22.88 3.90 10.39
C ARG A 62 21.84 3.25 9.47
N ASN A 63 20.74 3.96 9.21
CA ASN A 63 19.70 3.42 8.34
C ASN A 63 20.21 3.24 6.91
N THR A 64 21.11 4.11 6.47
CA THR A 64 21.70 3.99 5.14
C THR A 64 22.69 2.84 5.05
N GLN A 65 23.55 2.69 6.05
CA GLN A 65 24.53 1.60 5.99
C GLN A 65 23.84 0.24 6.01
N ILE A 66 22.84 0.08 6.89
CA ILE A 66 22.10 -1.19 6.95
C ILE A 66 21.44 -1.48 5.60
N SER A 67 20.84 -0.46 4.97
CA SER A 67 20.16 -0.66 3.70
C SER A 67 21.13 -1.04 2.59
N LYS A 68 22.32 -0.42 2.60
CA LYS A 68 23.34 -0.80 1.63
C LYS A 68 23.81 -2.23 1.86
N THR A 69 24.02 -2.61 3.12
CA THR A 69 24.32 -4.01 3.42
C THR A 69 23.19 -4.92 2.97
N ASN A 70 21.94 -4.48 3.19
CA ASN A 70 20.79 -5.30 2.79
C ASN A 70 20.75 -5.47 1.27
N THR A 71 21.15 -4.45 0.51
CA THR A 71 21.23 -4.60 -0.94
C THR A 71 22.09 -5.80 -1.34
N GLN A 72 23.28 -5.92 -0.74
CA GLN A 72 24.12 -7.07 -1.05
C GLN A 72 23.52 -8.35 -0.51
N THR A 73 23.00 -8.34 0.72
CA THR A 73 22.45 -9.57 1.28
C THR A 73 21.27 -10.09 0.45
N TYR A 74 20.43 -9.17 -0.06
CA TYR A 74 19.29 -9.60 -0.86
C TYR A 74 19.69 -10.08 -2.25
N ARG A 75 20.78 -9.55 -2.82
CA ARG A 75 21.29 -10.10 -4.08
C ARG A 75 21.77 -11.53 -3.88
N GLU A 76 22.58 -11.74 -2.85
CA GLU A 76 22.98 -13.09 -2.47
C GLU A 76 21.76 -13.98 -2.23
N SER A 77 20.72 -13.42 -1.59
CA SER A 77 19.56 -14.23 -1.25
C SER A 77 18.78 -14.63 -2.50
N LEU A 78 18.69 -13.72 -3.48
CA LEU A 78 18.01 -14.04 -4.74
C LEU A 78 18.76 -15.14 -5.49
N ARG A 79 20.09 -15.11 -5.46
CA ARG A 79 20.87 -16.20 -6.02
C ARG A 79 20.58 -17.50 -5.29
N ASN A 80 20.55 -17.46 -3.96
CA ASN A 80 20.29 -18.68 -3.20
C ASN A 80 18.93 -19.28 -3.56
N LEU A 81 17.88 -18.45 -3.58
CA LEU A 81 16.54 -18.99 -3.83
C LEU A 81 16.37 -19.48 -5.27
N ARG A 82 17.07 -18.85 -6.22
CA ARG A 82 17.12 -19.40 -7.57
C ARG A 82 17.66 -20.84 -7.54
N GLY A 83 18.74 -21.07 -6.81
CA GLY A 83 19.23 -22.43 -6.65
C GLY A 83 18.24 -23.34 -5.98
N TYR A 84 17.57 -22.85 -4.92
CA TYR A 84 16.64 -23.70 -4.17
C TYR A 84 15.51 -24.23 -5.06
N TYR A 85 15.10 -23.47 -6.06
CA TYR A 85 14.03 -23.88 -6.95
C TYR A 85 14.55 -24.36 -8.32
N ASN A 86 15.85 -24.58 -8.45
CA ASN A 86 16.44 -25.05 -9.72
C ASN A 86 16.00 -24.18 -10.89
N GLN A 87 16.02 -22.86 -10.69
CA GLN A 87 15.54 -21.93 -11.69
C GLN A 87 16.68 -21.43 -12.58
N SER A 88 16.30 -21.11 -13.82
CA SER A 88 17.22 -20.58 -14.81
C SER A 88 17.80 -19.24 -14.40
N GLU A 89 18.97 -18.93 -14.96
CA GLU A 89 19.58 -17.62 -14.80
C GLU A 89 18.85 -16.53 -15.58
N ALA A 90 17.95 -16.89 -16.49
CA ALA A 90 17.34 -15.90 -17.37
C ALA A 90 16.10 -15.23 -16.81
N GLY A 91 15.49 -15.80 -15.77
CA GLY A 91 14.26 -15.27 -15.24
C GLY A 91 14.47 -14.19 -14.18
N SER A 92 13.50 -13.29 -14.10
CA SER A 92 13.45 -12.26 -13.07
C SER A 92 12.62 -12.75 -11.89
N HIS A 93 13.11 -12.53 -10.66
CA HIS A 93 12.39 -12.96 -9.47
C HIS A 93 12.42 -11.87 -8.40
N ILE A 94 11.53 -12.02 -7.42
CA ILE A 94 11.28 -11.02 -6.39
C ILE A 94 11.25 -11.69 -5.03
N ILE A 95 12.08 -11.21 -4.10
CA ILE A 95 11.90 -11.44 -2.68
C ILE A 95 11.22 -10.20 -2.09
N GLN A 96 10.17 -10.43 -1.31
CA GLN A 96 9.51 -9.39 -0.54
C GLN A 96 9.55 -9.75 0.93
N ARG A 97 9.76 -8.75 1.77
CA ARG A 97 9.75 -8.95 3.20
C ARG A 97 9.02 -7.80 3.87
N MET A 98 8.14 -8.10 4.82
CA MET A 98 7.49 -7.08 5.65
C MET A 98 7.63 -7.50 7.11
N TYR A 99 8.07 -6.55 7.94
CA TYR A 99 8.26 -6.80 9.35
C TYR A 99 7.92 -5.54 10.14
N GLY A 100 7.65 -5.73 11.42
CA GLY A 100 7.29 -4.61 12.26
C GLY A 100 6.54 -5.05 13.50
N CYS A 101 5.96 -4.07 14.18
CA CYS A 101 5.35 -4.27 15.49
C CYS A 101 4.04 -3.49 15.57
N ASP A 102 3.10 -4.04 16.34
CA ASP A 102 1.88 -3.35 16.75
C ASP A 102 1.96 -3.05 18.25
N VAL A 103 1.53 -1.84 18.62
CA VAL A 103 1.48 -1.46 20.03
C VAL A 103 0.08 -0.90 20.35
N GLY A 104 -0.29 -1.01 21.63
CA GLY A 104 -1.60 -0.61 22.06
C GLY A 104 -1.63 0.84 22.48
N PRO A 105 -2.79 1.32 22.91
CA PRO A 105 -2.89 2.72 23.38
C PRO A 105 -1.85 3.10 24.43
N ASP A 106 -1.37 2.15 25.22
CA ASP A 106 -0.33 2.42 26.20
C ASP A 106 1.08 2.16 25.67
N GLY A 107 1.24 1.91 24.37
CA GLY A 107 2.56 1.65 23.82
C GLY A 107 3.15 0.30 24.14
N ARG A 108 2.36 -0.61 24.70
CA ARG A 108 2.82 -1.96 24.98
C ARG A 108 2.78 -2.79 23.71
N LEU A 109 3.78 -3.65 23.53
CA LEU A 109 3.81 -4.55 22.37
C LEU A 109 2.57 -5.43 22.32
N LEU A 110 1.82 -5.35 21.22
CA LEU A 110 0.72 -6.27 20.97
C LEU A 110 1.19 -7.51 20.23
N ARG A 111 1.92 -7.35 19.12
CA ARG A 111 2.58 -8.48 18.47
C ARG A 111 3.61 -7.98 17.47
N GLY A 112 4.53 -8.88 17.12
CA GLY A 112 5.54 -8.65 16.11
C GLY A 112 5.29 -9.45 14.85
N TYR A 113 5.86 -9.01 13.73
CA TYR A 113 5.71 -9.62 12.42
C TYR A 113 7.05 -9.65 11.71
N ASP A 114 7.32 -10.76 10.98
CA ASP A 114 8.41 -10.83 10.01
C ASP A 114 8.03 -11.91 8.99
N GLN A 115 7.50 -11.48 7.84
CA GLN A 115 7.09 -12.42 6.81
C GLN A 115 7.80 -12.14 5.50
N SER A 116 8.12 -13.22 4.77
CA SER A 116 8.86 -13.13 3.52
C SER A 116 8.10 -13.86 2.42
N ALA A 117 8.16 -13.32 1.20
CA ALA A 117 7.54 -13.97 0.05
C ALA A 117 8.54 -14.07 -1.10
N TYR A 118 8.31 -15.05 -1.97
CA TYR A 118 9.14 -15.26 -3.15
C TYR A 118 8.22 -15.35 -4.37
N ASP A 119 8.49 -14.50 -5.36
CA ASP A 119 7.58 -14.32 -6.48
C ASP A 119 6.11 -14.22 -6.06
N GLY A 120 5.82 -13.52 -4.96
CA GLY A 120 4.46 -13.22 -4.58
C GLY A 120 3.74 -14.31 -3.80
N LYS A 121 4.41 -15.39 -3.44
N LYS A 121 4.42 -15.40 -3.44
CA LYS A 121 3.82 -16.46 -2.65
CA LYS A 121 3.84 -16.48 -2.67
C LYS A 121 4.58 -16.58 -1.34
C LYS A 121 4.58 -16.60 -1.35
N ASP A 122 3.84 -16.88 -0.27
CA ASP A 122 4.41 -17.04 1.06
C ASP A 122 5.66 -17.91 1.00
N TYR A 123 6.73 -17.46 1.63
CA TYR A 123 7.96 -18.24 1.64
C TYR A 123 8.35 -18.66 3.06
N ILE A 124 8.62 -17.71 3.95
CA ILE A 124 8.90 -18.04 5.34
C ILE A 124 8.37 -16.92 6.21
N ALA A 125 7.83 -17.28 7.38
CA ALA A 125 7.28 -16.30 8.31
C ALA A 125 7.72 -16.63 9.73
N LEU A 126 8.15 -15.62 10.47
CA LEU A 126 8.33 -15.78 11.91
C LEU A 126 6.98 -15.93 12.58
N ASN A 127 6.84 -16.93 13.45
CA ASN A 127 5.59 -17.20 14.14
C ASN A 127 5.34 -16.14 15.21
N GLU A 128 4.08 -16.05 15.65
CA GLU A 128 3.71 -15.00 16.60
C GLU A 128 4.50 -15.09 17.91
N ASP A 129 5.02 -16.27 18.25
CA ASP A 129 5.85 -16.39 19.44
C ASP A 129 7.21 -15.73 19.29
N LEU A 130 7.55 -15.23 18.09
CA LEU A 130 8.84 -14.58 17.85
C LEU A 130 10.01 -15.51 18.17
N SER A 131 9.81 -16.81 17.97
CA SER A 131 10.76 -17.83 18.37
C SER A 131 10.83 -19.00 17.41
N SER A 132 9.83 -19.24 16.57
CA SER A 132 9.78 -20.37 15.68
C SER A 132 9.39 -19.89 14.29
N TRP A 133 9.55 -20.77 13.30
CA TRP A 133 9.39 -20.42 11.90
C TRP A 133 8.32 -21.29 11.24
N THR A 134 7.65 -20.71 10.23
CA THR A 134 6.76 -21.45 9.34
C THR A 134 7.29 -21.31 7.92
N ALA A 135 7.73 -22.43 7.36
CA ALA A 135 8.32 -22.49 6.03
C ALA A 135 7.29 -23.06 5.06
N ALA A 136 7.13 -22.42 3.91
CA ALA A 136 6.06 -22.82 2.99
C ALA A 136 6.38 -24.08 2.21
N ASP A 137 7.65 -24.46 2.06
CA ASP A 137 8.02 -25.57 1.21
C ASP A 137 9.43 -26.01 1.59
N THR A 138 9.95 -27.01 0.87
CA THR A 138 11.28 -27.53 1.20
C THR A 138 12.38 -26.54 0.87
N ALA A 139 12.15 -25.59 -0.03
CA ALA A 139 13.15 -24.53 -0.24
C ALA A 139 13.23 -23.63 0.99
N ALA A 140 12.09 -23.19 1.48
CA ALA A 140 12.08 -22.35 2.68
C ALA A 140 12.61 -23.10 3.91
N GLN A 141 12.48 -24.44 3.93
CA GLN A 141 13.11 -25.19 5.02
C GLN A 141 14.61 -25.05 5.00
N ILE A 142 15.20 -24.86 3.82
CA ILE A 142 16.64 -24.59 3.75
C ILE A 142 16.95 -23.25 4.39
N THR A 143 16.17 -22.21 4.04
CA THR A 143 16.32 -20.94 4.74
C THR A 143 16.08 -21.12 6.25
N GLN A 144 15.05 -21.87 6.62
CA GLN A 144 14.78 -22.05 8.05
C GLN A 144 16.00 -22.63 8.79
N ARG A 145 16.69 -23.60 8.16
CA ARG A 145 17.85 -24.22 8.81
C ARG A 145 19.03 -23.26 8.89
N LYS A 146 19.26 -22.47 7.84
CA LYS A 146 20.26 -21.41 7.96
C LYS A 146 19.94 -20.49 9.12
N TRP A 147 18.67 -20.11 9.25
CA TRP A 147 18.33 -19.06 10.20
C TRP A 147 18.33 -19.59 11.64
N GLU A 148 17.90 -20.85 11.84
CA GLU A 148 18.09 -21.48 13.14
C GLU A 148 19.57 -21.54 13.53
N ALA A 149 20.45 -21.86 12.57
CA ALA A 149 21.88 -21.94 12.88
C ALA A 149 22.47 -20.58 13.24
N ALA A 150 21.97 -19.49 12.64
CA ALA A 150 22.46 -18.17 12.98
C ALA A 150 21.65 -17.49 14.10
N ARG A 151 20.74 -18.23 14.74
CA ARG A 151 19.83 -17.68 15.76
C ARG A 151 19.20 -16.35 15.31
N GLU A 152 18.60 -16.38 14.12
CA GLU A 152 17.93 -15.19 13.60
C GLU A 152 16.71 -14.83 14.43
N ALA A 153 15.94 -15.83 14.85
CA ALA A 153 14.70 -15.56 15.57
C ALA A 153 14.94 -14.74 16.84
N GLU A 154 16.02 -15.06 17.57
CA GLU A 154 16.36 -14.27 18.75
C GLU A 154 16.65 -12.82 18.37
N GLN A 155 17.36 -12.61 17.26
CA GLN A 155 17.70 -11.25 16.87
CA GLN A 155 17.70 -11.25 16.87
C GLN A 155 16.49 -10.49 16.37
N LEU A 156 15.57 -11.17 15.67
CA LEU A 156 14.35 -10.50 15.22
C LEU A 156 13.45 -10.18 16.40
N ARG A 157 13.29 -11.10 17.35
CA ARG A 157 12.53 -10.81 18.56
C ARG A 157 13.14 -9.67 19.35
N ALA A 158 14.46 -9.65 19.49
CA ALA A 158 15.09 -8.55 20.20
C ALA A 158 14.74 -7.21 19.56
N TYR A 159 14.77 -7.15 18.23
CA TYR A 159 14.40 -5.91 17.55
C TYR A 159 12.92 -5.59 17.77
N LEU A 160 12.05 -6.59 17.62
CA LEU A 160 10.61 -6.35 17.63
C LEU A 160 10.13 -5.90 19.00
N GLU A 161 10.65 -6.51 20.07
CA GLU A 161 10.31 -6.12 21.43
C GLU A 161 11.09 -4.89 21.92
N GLY A 162 12.20 -4.55 21.26
CA GLY A 162 13.07 -3.49 21.70
C GLY A 162 12.99 -2.24 20.84
N LEU A 163 13.91 -2.11 19.89
CA LEU A 163 13.99 -0.93 19.02
C LEU A 163 12.65 -0.62 18.33
N CYS A 164 11.95 -1.64 17.82
CA CYS A 164 10.73 -1.38 17.08
C CYS A 164 9.70 -0.63 17.92
N VAL A 165 9.45 -1.10 19.14
CA VAL A 165 8.48 -0.48 20.02
C VAL A 165 8.98 0.89 20.50
N GLU A 166 10.27 1.00 20.83
CA GLU A 166 10.78 2.26 21.35
C GLU A 166 10.79 3.35 20.28
N TRP A 167 11.19 3.01 19.05
CA TRP A 167 11.20 4.03 18.02
C TRP A 167 9.79 4.34 17.55
N LEU A 168 8.91 3.35 17.51
CA LEU A 168 7.51 3.67 17.18
C LEU A 168 6.94 4.67 18.19
N ARG A 169 7.23 4.48 19.48
CA ARG A 169 6.77 5.43 20.49
C ARG A 169 7.35 6.82 20.24
N ARG A 170 8.63 6.89 19.87
CA ARG A 170 9.26 8.18 19.59
C ARG A 170 8.62 8.86 18.38
N TYR A 171 8.37 8.11 17.30
CA TYR A 171 7.75 8.69 16.11
C TYR A 171 6.34 9.18 16.43
N LEU A 172 5.56 8.38 17.17
CA LEU A 172 4.20 8.78 17.53
C LEU A 172 4.18 10.10 18.29
N GLU A 173 5.16 10.32 19.17
CA GLU A 173 5.22 11.58 19.90
C GLU A 173 5.70 12.71 19.00
N ASN A 174 6.73 12.47 18.20
CA ASN A 174 7.28 13.52 17.33
C ASN A 174 6.30 13.91 16.24
N GLY A 175 5.47 12.98 15.78
CA GLY A 175 4.48 13.27 14.76
C GLY A 175 3.05 13.29 15.27
N LYS A 176 2.87 13.59 16.56
CA LYS A 176 1.57 13.36 17.21
C LYS A 176 0.44 14.16 16.56
N GLU A 177 0.73 15.35 16.01
CA GLU A 177 -0.33 16.18 15.46
C GLU A 177 -0.92 15.60 14.19
N THR A 178 -0.25 14.64 13.55
CA THR A 178 -0.81 13.92 12.41
C THR A 178 -1.02 12.45 12.71
N LEU A 179 -0.03 11.77 13.28
CA LEU A 179 -0.12 10.32 13.50
C LEU A 179 -1.19 9.97 14.54
N GLN A 180 -1.39 10.82 15.54
CA GLN A 180 -2.42 10.58 16.54
C GLN A 180 -3.66 11.42 16.28
N ARG A 181 -3.88 11.81 15.04
CA ARG A 181 -5.08 12.53 14.65
C ARG A 181 -5.85 11.72 13.62
N ALA A 182 -7.09 11.38 13.94
CA ALA A 182 -7.96 10.65 13.03
C ALA A 182 -8.88 11.64 12.33
N ASP A 183 -8.84 11.67 10.99
CA ASP A 183 -9.70 12.58 10.25
C ASP A 183 -10.92 11.82 9.75
N PRO A 184 -12.13 12.24 10.10
CA PRO A 184 -13.30 11.47 9.73
C PRO A 184 -13.62 11.66 8.26
N PRO A 185 -14.38 10.74 7.65
CA PRO A 185 -14.73 10.91 6.25
C PRO A 185 -15.82 11.95 6.07
N LYS A 186 -15.69 12.73 4.99
CA LYS A 186 -16.80 13.50 4.45
C LYS A 186 -17.60 12.59 3.53
N THR A 187 -18.91 12.49 3.78
CA THR A 187 -19.73 11.50 3.12
C THR A 187 -20.86 12.16 2.32
N HIS A 188 -21.34 11.45 1.29
CA HIS A 188 -22.59 11.80 0.61
C HIS A 188 -23.02 10.62 -0.24
N VAL A 189 -24.29 10.65 -0.65
CA VAL A 189 -24.89 9.59 -1.47
C VAL A 189 -25.30 10.21 -2.80
N THR A 190 -24.84 9.61 -3.90
CA THR A 190 -25.23 9.99 -5.24
C THR A 190 -26.21 8.98 -5.83
N HIS A 191 -26.95 9.43 -6.83
CA HIS A 191 -28.02 8.68 -7.46
C HIS A 191 -27.79 8.70 -8.98
N HIS A 192 -27.59 7.53 -9.57
CA HIS A 192 -27.31 7.42 -11.00
C HIS A 192 -28.32 6.46 -11.60
N PRO A 193 -29.36 6.96 -12.27
CA PRO A 193 -30.34 6.05 -12.88
C PRO A 193 -29.72 5.16 -13.95
N ILE A 194 -30.09 3.88 -13.91
CA ILE A 194 -29.63 2.89 -14.89
C ILE A 194 -30.62 2.77 -16.04
N SER A 195 -31.91 2.75 -15.70
CA SER A 195 -32.99 2.60 -16.63
C SER A 195 -34.24 3.14 -15.94
N ASP A 196 -35.41 2.78 -16.46
CA ASP A 196 -36.64 3.11 -15.76
C ASP A 196 -36.93 2.15 -14.60
N HIS A 197 -36.24 1.02 -14.53
CA HIS A 197 -36.45 0.04 -13.46
C HIS A 197 -35.45 0.17 -12.31
N GLU A 198 -34.25 0.70 -12.57
CA GLU A 198 -33.17 0.61 -11.60
C GLU A 198 -32.34 1.89 -11.60
N ALA A 199 -31.66 2.10 -10.46
CA ALA A 199 -30.69 3.17 -10.30
C ALA A 199 -29.57 2.68 -9.38
N THR A 200 -28.42 3.32 -9.51
CA THR A 200 -27.28 3.07 -8.64
C THR A 200 -27.25 4.11 -7.53
N LEU A 201 -27.26 3.64 -6.27
CA LEU A 201 -26.95 4.50 -5.13
C LEU A 201 -25.48 4.28 -4.79
N ARG A 202 -24.70 5.35 -4.77
CA ARG A 202 -23.29 5.24 -4.41
C ARG A 202 -23.03 6.04 -3.15
N CYS A 203 -22.45 5.39 -2.15
CA CYS A 203 -22.12 6.01 -0.87
C CYS A 203 -20.64 6.35 -0.85
N TRP A 204 -20.32 7.64 -0.67
CA TRP A 204 -18.97 8.17 -0.80
C TRP A 204 -18.37 8.47 0.58
N ALA A 205 -17.07 8.18 0.73
CA ALA A 205 -16.29 8.59 1.89
C ALA A 205 -14.99 9.21 1.40
N LEU A 206 -14.72 10.46 1.81
CA LEU A 206 -13.62 11.25 1.30
C LEU A 206 -12.85 11.90 2.44
N GLY A 207 -11.56 12.15 2.22
CA GLY A 207 -10.72 12.87 3.15
C GLY A 207 -10.45 12.19 4.49
N PHE A 208 -10.58 10.87 4.59
CA PHE A 208 -10.42 10.26 5.90
C PHE A 208 -9.00 9.71 6.09
N TYR A 209 -8.59 9.61 7.37
CA TYR A 209 -7.32 9.02 7.85
C TYR A 209 -7.57 8.47 9.24
N PRO A 210 -7.14 7.24 9.55
CA PRO A 210 -6.41 6.33 8.67
C PRO A 210 -7.31 5.65 7.64
N ALA A 211 -6.71 4.74 6.86
CA ALA A 211 -7.40 4.12 5.73
C ALA A 211 -8.54 3.21 6.17
N GLU A 212 -8.44 2.61 7.35
CA GLU A 212 -9.45 1.65 7.77
C GLU A 212 -10.81 2.31 7.87
N ILE A 213 -11.82 1.66 7.28
CA ILE A 213 -13.17 2.20 7.22
C ILE A 213 -14.08 1.04 6.89
N THR A 214 -15.36 1.16 7.27
CA THR A 214 -16.35 0.20 6.82
C THR A 214 -17.56 0.96 6.27
N LEU A 215 -17.90 0.69 5.02
CA LEU A 215 -19.05 1.26 4.34
C LEU A 215 -19.97 0.12 3.97
N THR A 216 -21.22 0.18 4.40
CA THR A 216 -22.15 -0.90 4.10
C THR A 216 -23.51 -0.34 3.72
N TRP A 217 -24.18 -1.05 2.82
CA TRP A 217 -25.54 -0.72 2.43
C TRP A 217 -26.49 -1.70 3.10
N GLN A 218 -27.58 -1.16 3.64
CA GLN A 218 -28.66 -1.98 4.17
C GLN A 218 -29.93 -1.71 3.37
N ARG A 219 -30.70 -2.75 3.11
CA ARG A 219 -32.03 -2.63 2.53
C ARG A 219 -33.02 -3.17 3.56
N ASP A 220 -33.89 -2.29 4.05
CA ASP A 220 -34.77 -2.61 5.17
C ASP A 220 -33.99 -3.06 6.40
N GLY A 221 -32.78 -2.51 6.58
CA GLY A 221 -31.97 -2.86 7.72
C GLY A 221 -31.16 -4.13 7.60
N GLU A 222 -31.12 -4.75 6.42
CA GLU A 222 -30.39 -6.00 6.20
C GLU A 222 -29.18 -5.72 5.30
N ASP A 223 -27.99 -6.11 5.76
CA ASP A 223 -26.77 -5.85 5.03
C ASP A 223 -26.81 -6.48 3.63
N GLN A 224 -26.36 -5.72 2.63
CA GLN A 224 -26.40 -6.13 1.24
C GLN A 224 -25.03 -6.57 0.74
N THR A 225 -24.30 -7.30 1.59
CA THR A 225 -22.92 -7.69 1.32
C THR A 225 -22.77 -8.26 -0.09
N GLN A 226 -23.65 -9.19 -0.44
CA GLN A 226 -23.58 -9.88 -1.73
C GLN A 226 -23.79 -8.92 -2.89
N ASP A 227 -24.63 -7.90 -2.69
CA ASP A 227 -25.04 -7.02 -3.78
C ASP A 227 -24.30 -5.71 -3.82
N THR A 228 -23.44 -5.43 -2.83
CA THR A 228 -22.76 -4.15 -2.76
C THR A 228 -21.43 -4.22 -3.51
N GLU A 229 -21.20 -3.27 -4.40
CA GLU A 229 -19.91 -3.11 -5.04
C GLU A 229 -19.06 -2.17 -4.20
N LEU A 230 -17.96 -2.69 -3.65
CA LEU A 230 -17.00 -1.90 -2.89
C LEU A 230 -15.79 -1.62 -3.74
N VAL A 231 -15.44 -0.38 -3.88
CA VAL A 231 -14.20 -0.06 -4.55
C VAL A 231 -13.07 -0.15 -3.54
N GLU A 232 -11.86 -0.44 -4.02
CA GLU A 232 -10.72 -0.53 -3.13
C GLU A 232 -10.37 0.86 -2.61
N THR A 233 -10.04 0.93 -1.32
CA THR A 233 -9.66 2.20 -0.71
C THR A 233 -8.43 2.76 -1.39
N ARG A 234 -8.46 4.06 -1.69
CA ARG A 234 -7.46 4.65 -2.57
C ARG A 234 -6.91 5.93 -1.96
N PRO A 235 -5.62 6.20 -2.14
CA PRO A 235 -5.02 7.40 -1.56
C PRO A 235 -5.35 8.63 -2.39
N ALA A 236 -5.59 9.74 -1.69
CA ALA A 236 -5.91 11.01 -2.34
C ALA A 236 -4.67 11.79 -2.74
N GLY A 237 -3.52 11.51 -2.12
CA GLY A 237 -2.31 12.23 -2.38
C GLY A 237 -1.93 13.19 -1.28
N ASP A 238 -2.85 13.47 -0.36
CA ASP A 238 -2.62 14.43 0.71
C ASP A 238 -2.62 13.77 2.09
N ARG A 239 -2.31 12.47 2.15
CA ARG A 239 -2.32 11.58 3.33
C ARG A 239 -3.69 10.95 3.57
N THR A 240 -4.76 11.53 3.01
CA THR A 240 -6.10 10.99 3.23
C THR A 240 -6.48 9.97 2.17
N PHE A 241 -7.60 9.27 2.43
CA PHE A 241 -8.04 8.16 1.60
C PHE A 241 -9.47 8.38 1.12
N GLN A 242 -9.88 7.59 0.13
CA GLN A 242 -11.21 7.68 -0.44
C GLN A 242 -11.75 6.25 -0.65
N LYS A 243 -13.07 6.13 -0.63
CA LYS A 243 -13.72 4.84 -0.86
C LYS A 243 -15.19 5.08 -1.20
N TRP A 244 -15.77 4.18 -1.98
CA TRP A 244 -17.21 4.25 -2.15
C TRP A 244 -17.79 2.86 -2.23
N ALA A 245 -19.09 2.78 -1.93
CA ALA A 245 -19.87 1.56 -1.94
C ALA A 245 -21.12 1.82 -2.77
N ALA A 246 -21.46 0.88 -3.64
CA ALA A 246 -22.55 1.09 -4.58
C ALA A 246 -23.47 -0.11 -4.56
N VAL A 247 -24.73 0.16 -4.86
CA VAL A 247 -25.77 -0.86 -4.85
C VAL A 247 -26.80 -0.46 -5.90
N VAL A 248 -27.35 -1.45 -6.60
CA VAL A 248 -28.33 -1.22 -7.64
C VAL A 248 -29.70 -1.48 -7.04
N VAL A 249 -30.57 -0.47 -7.08
CA VAL A 249 -31.82 -0.54 -6.35
C VAL A 249 -33.00 -0.38 -7.29
N PRO A 250 -34.16 -0.97 -7.00
CA PRO A 250 -35.34 -0.74 -7.83
C PRO A 250 -35.83 0.69 -7.73
N SER A 251 -36.21 1.24 -8.88
CA SER A 251 -36.71 2.60 -8.97
C SER A 251 -37.91 2.77 -8.06
N GLY A 252 -37.86 3.78 -7.18
CA GLY A 252 -38.90 3.99 -6.20
C GLY A 252 -38.74 3.25 -4.89
N GLU A 253 -37.66 2.49 -4.72
CA GLU A 253 -37.38 1.85 -3.44
C GLU A 253 -36.17 2.47 -2.75
N GLU A 254 -35.76 3.66 -3.18
CA GLU A 254 -34.50 4.24 -2.73
C GLU A 254 -34.50 4.45 -1.22
N GLN A 255 -35.64 4.83 -0.65
CA GLN A 255 -35.66 5.15 0.77
C GLN A 255 -35.58 3.91 1.64
N ARG A 256 -35.63 2.71 1.06
CA ARG A 256 -35.42 1.50 1.82
C ARG A 256 -33.95 1.21 2.06
N TYR A 257 -33.04 1.98 1.45
CA TYR A 257 -31.62 1.73 1.51
C TYR A 257 -30.93 2.76 2.39
N THR A 258 -30.04 2.29 3.26
CA THR A 258 -29.25 3.18 4.11
C THR A 258 -27.79 2.80 4.02
N CYS A 259 -26.93 3.80 3.97
CA CYS A 259 -25.50 3.59 4.00
C CYS A 259 -24.98 3.80 5.41
N HIS A 260 -24.11 2.90 5.86
CA HIS A 260 -23.58 2.96 7.23
C HIS A 260 -22.07 3.08 7.18
N VAL A 261 -21.55 4.06 7.90
CA VAL A 261 -20.15 4.45 7.83
C VAL A 261 -19.56 4.33 9.22
N GLN A 262 -18.52 3.52 9.37
CA GLN A 262 -17.78 3.45 10.61
C GLN A 262 -16.34 3.88 10.35
N HIS A 263 -15.84 4.77 11.19
CA HIS A 263 -14.46 5.21 11.10
C HIS A 263 -14.06 5.78 12.45
N GLU A 264 -12.78 5.64 12.81
CA GLU A 264 -12.36 6.05 14.15
C GLU A 264 -12.33 7.57 14.30
N GLY A 265 -12.35 8.33 13.21
CA GLY A 265 -12.51 9.77 13.31
C GLY A 265 -13.92 10.25 13.63
N LEU A 266 -14.92 9.36 13.59
CA LEU A 266 -16.32 9.71 13.79
C LEU A 266 -16.72 9.49 15.24
N PRO A 267 -17.26 10.52 15.91
CA PRO A 267 -17.83 10.33 17.25
C PRO A 267 -18.71 9.08 17.32
N LYS A 268 -19.71 9.05 16.44
CA LYS A 268 -20.66 7.95 16.31
C LYS A 268 -20.73 7.52 14.86
N PRO A 269 -20.99 6.23 14.60
CA PRO A 269 -21.17 5.79 13.22
C PRO A 269 -22.29 6.56 12.54
N LEU A 270 -22.28 6.55 11.21
CA LEU A 270 -23.17 7.36 10.42
C LEU A 270 -24.17 6.49 9.66
N THR A 271 -25.41 6.94 9.61
CA THR A 271 -26.42 6.36 8.73
C THR A 271 -26.83 7.43 7.73
N LEU A 272 -26.75 7.08 6.44
CA LEU A 272 -27.03 8.01 5.33
C LEU A 272 -28.02 7.39 4.37
N ARG A 273 -28.88 8.22 3.78
CA ARG A 273 -29.73 7.80 2.69
C ARG A 273 -29.63 8.83 1.58
N TRP A 274 -30.18 8.48 0.41
CA TRP A 274 -30.25 9.44 -0.68
C TRP A 274 -31.20 10.58 -0.31
N GLU A 275 -30.73 11.81 -0.46
CA GLU A 275 -31.52 13.01 -0.21
C GLU A 275 -31.75 13.69 -1.54
N PRO A 276 -32.87 13.41 -2.22
CA PRO A 276 -33.17 14.03 -3.52
C PRO A 276 -33.63 15.48 -3.38
N MET B 1 5.12 -19.85 -12.09
CA MET B 1 5.09 -18.49 -11.54
C MET B 1 3.75 -17.81 -11.87
N ILE B 2 3.20 -17.10 -10.89
CA ILE B 2 1.85 -16.56 -10.97
C ILE B 2 1.93 -15.03 -11.00
N GLN B 3 1.17 -14.43 -11.92
CA GLN B 3 1.13 -12.99 -12.10
C GLN B 3 -0.30 -12.48 -11.87
N ARG B 4 -0.40 -11.21 -11.50
CA ARG B 4 -1.69 -10.59 -11.18
C ARG B 4 -1.82 -9.26 -11.93
N THR B 5 -3.00 -9.04 -12.53
CA THR B 5 -3.08 -7.86 -13.36
C THR B 5 -3.47 -6.64 -12.53
N PRO B 6 -2.99 -5.45 -12.88
CA PRO B 6 -3.29 -4.27 -12.07
C PRO B 6 -4.75 -3.87 -12.13
N LYS B 7 -5.28 -3.49 -10.98
CA LYS B 7 -6.49 -2.69 -10.91
C LYS B 7 -6.12 -1.23 -11.10
N ILE B 8 -7.03 -0.47 -11.72
CA ILE B 8 -6.76 0.91 -12.11
C ILE B 8 -7.93 1.77 -11.68
N GLN B 9 -7.63 2.88 -11.01
CA GLN B 9 -8.63 3.89 -10.66
C GLN B 9 -8.11 5.25 -11.07
N VAL B 10 -8.95 6.04 -11.73
CA VAL B 10 -8.60 7.39 -12.16
C VAL B 10 -9.61 8.37 -11.57
N TYR B 11 -9.11 9.39 -10.86
CA TYR B 11 -9.94 10.26 -10.03
C TYR B 11 -9.10 11.47 -9.64
N SER B 12 -9.79 12.49 -9.14
CA SER B 12 -9.13 13.70 -8.69
C SER B 12 -8.97 13.70 -7.16
N ARG B 13 -7.98 14.45 -6.69
CA ARG B 13 -7.75 14.53 -5.25
C ARG B 13 -8.95 15.15 -4.53
N HIS B 14 -9.40 16.30 -5.00
CA HIS B 14 -10.56 17.03 -4.52
C HIS B 14 -11.69 16.96 -5.53
N PRO B 15 -12.93 17.27 -5.15
CA PRO B 15 -14.03 17.27 -6.12
C PRO B 15 -13.75 18.26 -7.25
N ALA B 16 -13.95 17.80 -8.49
CA ALA B 16 -13.50 18.53 -9.66
C ALA B 16 -14.48 19.63 -10.05
N GLU B 17 -13.95 20.84 -10.23
CA GLU B 17 -14.70 21.98 -10.74
C GLU B 17 -13.84 22.75 -11.73
N ASN B 18 -14.41 23.01 -12.91
CA ASN B 18 -13.66 23.61 -14.01
C ASN B 18 -13.03 24.93 -13.57
N GLY B 19 -11.77 25.10 -13.94
CA GLY B 19 -11.03 26.30 -13.61
C GLY B 19 -10.27 26.28 -12.30
N LYS B 20 -10.49 25.28 -11.44
CA LYS B 20 -9.81 25.20 -10.15
C LYS B 20 -8.68 24.17 -10.23
N SER B 21 -7.50 24.55 -9.74
CA SER B 21 -6.36 23.64 -9.75
C SER B 21 -6.60 22.48 -8.79
N ASN B 22 -6.33 21.27 -9.27
CA ASN B 22 -6.63 20.03 -8.57
C ASN B 22 -5.43 19.11 -8.75
N PHE B 23 -5.58 17.83 -8.36
CA PHE B 23 -4.59 16.80 -8.68
C PHE B 23 -5.29 15.65 -9.36
N LEU B 24 -4.73 15.18 -10.46
CA LEU B 24 -5.25 14.03 -11.17
C LEU B 24 -4.48 12.79 -10.71
N ASN B 25 -5.22 11.74 -10.34
CA ASN B 25 -4.64 10.54 -9.74
C ASN B 25 -4.90 9.34 -10.62
N CYS B 26 -3.88 8.52 -10.84
CA CYS B 26 -4.05 7.17 -11.35
C CYS B 26 -3.45 6.20 -10.36
N TYR B 27 -4.28 5.37 -9.76
CA TYR B 27 -3.86 4.48 -8.70
C TYR B 27 -3.91 3.06 -9.24
N VAL B 28 -2.75 2.40 -9.28
CA VAL B 28 -2.63 1.04 -9.78
C VAL B 28 -2.28 0.15 -8.60
N SER B 29 -3.00 -0.96 -8.46
CA SER B 29 -2.86 -1.80 -7.29
C SER B 29 -3.15 -3.25 -7.67
N GLY B 30 -2.82 -4.15 -6.75
CA GLY B 30 -3.13 -5.56 -6.93
C GLY B 30 -2.26 -6.30 -7.93
N PHE B 31 -1.12 -5.76 -8.32
CA PHE B 31 -0.40 -6.38 -9.43
C PHE B 31 0.89 -7.06 -8.99
N HIS B 32 1.35 -7.97 -9.83
CA HIS B 32 2.56 -8.74 -9.59
C HIS B 32 3.00 -9.36 -10.91
N PRO B 33 4.26 -9.21 -11.32
CA PRO B 33 5.32 -8.53 -10.54
C PRO B 33 5.25 -7.00 -10.63
N SER B 34 6.33 -6.34 -10.18
CA SER B 34 6.26 -4.93 -9.84
C SER B 34 6.49 -3.97 -11.00
N ASP B 35 7.19 -4.38 -12.07
CA ASP B 35 7.40 -3.48 -13.20
C ASP B 35 6.06 -3.10 -13.83
N ILE B 36 5.88 -1.82 -14.09
CA ILE B 36 4.63 -1.31 -14.62
C ILE B 36 4.91 0.03 -15.29
N GLU B 37 4.21 0.30 -16.38
CA GLU B 37 4.31 1.58 -17.06
C GLU B 37 2.97 2.30 -16.94
N VAL B 38 2.99 3.50 -16.41
CA VAL B 38 1.79 4.28 -16.22
C VAL B 38 2.02 5.69 -16.76
N ASP B 39 1.12 6.14 -17.64
CA ASP B 39 1.10 7.53 -18.06
C ASP B 39 -0.30 8.13 -17.88
N LEU B 40 -0.32 9.42 -17.59
CA LEU B 40 -1.54 10.21 -17.57
C LEU B 40 -1.66 10.94 -18.91
N LEU B 41 -2.82 10.83 -19.55
CA LEU B 41 -3.07 11.41 -20.86
C LEU B 41 -4.04 12.58 -20.76
N LYS B 42 -3.69 13.69 -21.41
CA LYS B 42 -4.60 14.82 -21.60
C LYS B 42 -4.97 14.84 -23.09
N ASN B 43 -6.22 14.43 -23.38
CA ASN B 43 -6.72 14.36 -24.75
C ASN B 43 -5.83 13.47 -25.62
N GLY B 44 -5.33 12.39 -25.02
CA GLY B 44 -4.58 11.40 -25.74
C GLY B 44 -3.08 11.57 -25.71
N GLU B 45 -2.57 12.68 -25.18
CA GLU B 45 -1.15 12.99 -25.23
C GLU B 45 -0.53 12.92 -23.84
N ARG B 46 0.58 12.19 -23.74
CA ARG B 46 1.22 11.92 -22.46
C ARG B 46 1.56 13.23 -21.75
N ILE B 47 1.28 13.29 -20.46
CA ILE B 47 1.65 14.43 -19.64
C ILE B 47 3.05 14.21 -19.09
N GLU B 48 3.93 15.20 -19.28
CA GLU B 48 5.20 15.23 -18.56
C GLU B 48 4.93 15.65 -17.12
N LYS B 49 5.98 15.69 -16.31
CA LYS B 49 5.91 16.14 -14.91
C LYS B 49 5.14 15.19 -13.99
N VAL B 50 4.78 14.00 -14.46
CA VAL B 50 3.99 13.09 -13.63
C VAL B 50 4.88 12.45 -12.57
N GLU B 51 4.43 12.48 -11.32
CA GLU B 51 5.16 11.89 -10.20
C GLU B 51 4.50 10.59 -9.79
N HIS B 52 5.17 9.88 -8.86
CA HIS B 52 4.58 8.66 -8.33
C HIS B 52 5.16 8.36 -6.94
N SER B 53 4.39 7.60 -6.17
CA SER B 53 4.77 7.18 -4.84
C SER B 53 5.88 6.13 -4.89
N ASP B 54 6.48 5.88 -3.72
CA ASP B 54 7.49 4.85 -3.59
C ASP B 54 6.83 3.48 -3.56
N LEU B 55 7.48 2.50 -4.20
CA LEU B 55 6.92 1.17 -4.35
C LEU B 55 6.72 0.51 -2.99
N SER B 56 5.50 0.02 -2.77
CA SER B 56 5.15 -0.72 -1.56
C SER B 56 4.14 -1.78 -1.98
N PHE B 57 3.71 -2.58 -1.03
CA PHE B 57 2.83 -3.70 -1.35
C PHE B 57 1.88 -3.98 -0.18
N SER B 58 0.79 -4.66 -0.51
CA SER B 58 -0.27 -4.96 0.42
C SER B 58 0.02 -6.26 1.14
N LYS B 59 -0.90 -6.62 2.05
CA LYS B 59 -0.79 -7.86 2.84
C LYS B 59 -0.75 -9.10 1.96
N ASP B 60 -1.41 -9.07 0.82
CA ASP B 60 -1.37 -10.23 -0.07
C ASP B 60 -0.15 -10.23 -1.00
N TRP B 61 0.81 -9.33 -0.79
CA TRP B 61 2.07 -9.19 -1.49
C TRP B 61 1.94 -8.44 -2.82
N SER B 62 0.74 -8.08 -3.27
CA SER B 62 0.61 -7.36 -4.53
C SER B 62 1.03 -5.91 -4.33
N PHE B 63 1.53 -5.32 -5.41
CA PHE B 63 2.10 -3.98 -5.40
C PHE B 63 1.03 -2.92 -5.65
N TYR B 64 1.32 -1.71 -5.19
CA TYR B 64 0.46 -0.57 -5.49
C TYR B 64 1.33 0.67 -5.67
N LEU B 65 0.88 1.55 -6.56
CA LEU B 65 1.57 2.81 -6.84
C LEU B 65 0.54 3.88 -7.14
N LEU B 66 0.80 5.10 -6.70
CA LEU B 66 -0.02 6.25 -7.05
C LEU B 66 0.77 7.12 -7.99
N TYR B 67 0.23 7.36 -9.17
CA TYR B 67 0.75 8.36 -10.10
C TYR B 67 -0.15 9.59 -10.08
N TYR B 68 0.46 10.77 -10.13
CA TYR B 68 -0.28 12.01 -9.95
C TYR B 68 0.44 13.17 -10.62
N THR B 69 -0.36 14.15 -11.06
CA THR B 69 0.13 15.44 -11.51
C THR B 69 -0.89 16.52 -11.19
N GLU B 70 -0.40 17.72 -10.89
CA GLU B 70 -1.29 18.86 -10.72
C GLU B 70 -1.94 19.18 -12.05
N PHE B 71 -3.23 19.55 -12.02
CA PHE B 71 -3.92 19.93 -13.25
C PHE B 71 -5.11 20.82 -12.91
N THR B 72 -5.74 21.33 -13.95
CA THR B 72 -6.92 22.19 -13.83
C THR B 72 -7.98 21.72 -14.80
N PRO B 73 -9.04 21.08 -14.33
CA PRO B 73 -10.05 20.56 -15.24
C PRO B 73 -10.80 21.69 -15.95
N THR B 74 -11.23 21.39 -17.16
CA THR B 74 -12.17 22.19 -17.93
C THR B 74 -13.26 21.28 -18.45
N GLU B 75 -14.27 21.83 -19.11
CA GLU B 75 -15.31 20.99 -19.66
C GLU B 75 -14.90 20.35 -20.98
N LYS B 76 -13.93 20.92 -21.68
CA LYS B 76 -13.43 20.33 -22.91
C LYS B 76 -12.49 19.16 -22.64
N ASP B 77 -11.50 19.39 -21.77
CA ASP B 77 -10.34 18.50 -21.69
C ASP B 77 -10.73 17.11 -21.19
N GLU B 78 -10.30 16.09 -21.93
CA GLU B 78 -10.48 14.70 -21.54
C GLU B 78 -9.17 14.18 -20.96
N TYR B 79 -9.28 13.47 -19.84
CA TYR B 79 -8.11 12.92 -19.17
C TYR B 79 -8.24 11.42 -19.05
N ALA B 80 -7.10 10.73 -19.04
CA ALA B 80 -7.12 9.27 -18.96
C ALA B 80 -5.80 8.77 -18.41
N CYS B 81 -5.80 7.50 -18.02
CA CYS B 81 -4.60 6.82 -17.55
C CYS B 81 -4.30 5.65 -18.47
N ARG B 82 -3.04 5.48 -18.86
CA ARG B 82 -2.64 4.32 -19.67
C ARG B 82 -1.62 3.46 -18.93
N VAL B 83 -1.92 2.17 -18.85
CA VAL B 83 -1.18 1.24 -18.02
C VAL B 83 -0.65 0.10 -18.88
N ASN B 84 0.65 -0.15 -18.78
CA ASN B 84 1.23 -1.35 -19.37
C ASN B 84 1.85 -2.24 -18.28
N HIS B 85 1.63 -3.54 -18.42
CA HIS B 85 2.07 -4.55 -17.47
C HIS B 85 2.22 -5.87 -18.22
N VAL B 86 3.09 -6.74 -17.69
CA VAL B 86 3.36 -8.01 -18.36
C VAL B 86 2.08 -8.82 -18.57
N THR B 87 1.09 -8.68 -17.68
CA THR B 87 -0.15 -9.42 -17.82
C THR B 87 -1.07 -8.86 -18.90
N LEU B 88 -0.74 -7.73 -19.53
CA LEU B 88 -1.62 -7.06 -20.47
C LEU B 88 -1.13 -7.26 -21.89
N SER B 89 -2.00 -7.79 -22.76
CA SER B 89 -1.66 -7.92 -24.18
C SER B 89 -1.31 -6.57 -24.78
N GLN B 90 -2.08 -5.54 -24.45
CA GLN B 90 -1.80 -4.19 -24.91
C GLN B 90 -2.08 -3.23 -23.76
N PRO B 91 -1.56 -2.01 -23.83
CA PRO B 91 -1.83 -1.03 -22.77
C PRO B 91 -3.33 -0.86 -22.56
N LYS B 92 -3.72 -0.75 -21.29
CA LYS B 92 -5.10 -0.46 -20.92
C LYS B 92 -5.24 1.04 -20.71
N ILE B 93 -6.28 1.61 -21.32
CA ILE B 93 -6.69 3.00 -21.13
C ILE B 93 -7.84 3.01 -20.14
N VAL B 94 -7.81 3.91 -19.17
CA VAL B 94 -8.96 4.14 -18.32
C VAL B 94 -9.21 5.64 -18.29
N LYS B 95 -10.41 6.04 -18.70
CA LYS B 95 -10.74 7.45 -18.82
C LYS B 95 -11.18 8.02 -17.47
N TRP B 96 -10.76 9.25 -17.19
CA TRP B 96 -11.27 9.93 -16.02
C TRP B 96 -12.78 10.17 -16.17
N ASP B 97 -13.58 9.42 -15.42
CA ASP B 97 -15.01 9.67 -15.30
CA ASP B 97 -15.01 9.67 -15.31
C ASP B 97 -15.26 10.62 -14.14
N ARG B 98 -16.01 11.68 -14.38
CA ARG B 98 -16.30 12.65 -13.33
C ARG B 98 -17.78 12.57 -12.94
N ASP B 99 -18.04 11.88 -11.83
CA ASP B 99 -19.36 11.83 -11.22
C ASP B 99 -19.25 11.23 -9.81
N THR C 1 13.17 3.01 13.09
CA THR C 1 14.51 2.77 12.58
C THR C 1 14.61 1.32 12.08
N VAL C 2 15.42 1.04 11.04
CA VAL C 2 15.44 -0.31 10.46
C VAL C 2 16.10 -1.29 11.42
N ARG C 3 15.73 -2.56 11.26
CA ARG C 3 16.37 -3.66 11.93
C ARG C 3 17.76 -3.89 11.35
N ALA C 4 18.70 -4.26 12.23
CA ALA C 4 20.05 -4.60 11.81
C ALA C 4 20.00 -5.65 10.69
N SER C 5 20.94 -5.53 9.76
CA SER C 5 20.98 -6.42 8.61
C SER C 5 21.20 -7.86 9.05
N GLY C 6 20.30 -8.75 8.63
CA GLY C 6 20.30 -10.13 9.09
C GLY C 6 20.90 -11.08 8.06
N HIS C 7 20.69 -12.37 8.33
CA HIS C 7 21.33 -13.42 7.54
C HIS C 7 20.68 -13.59 6.18
N SER C 8 21.50 -13.96 5.20
CA SER C 8 20.96 -14.20 3.86
C SER C 8 20.05 -15.42 3.88
N TYR C 9 19.16 -15.49 2.89
CA TYR C 9 18.17 -16.56 2.82
C TYR C 9 18.78 -17.89 2.39
C ACT D . -13.49 12.53 -6.02
O ACT D . -14.52 11.95 -6.47
OXT ACT D . -12.36 12.06 -6.31
CH3 ACT D . -13.63 13.78 -5.15
C1 GOL E . 0.34 -0.64 6.39
O1 GOL E . 1.46 -0.72 7.22
C2 GOL E . 0.52 0.55 5.44
O2 GOL E . 1.47 0.22 4.49
C3 GOL E . -0.82 0.86 4.74
O3 GOL E . -0.78 2.10 4.07
C1 EDO F . 23.13 8.95 5.09
O1 EDO F . 22.34 10.05 4.72
C2 EDO F . 24.39 8.87 4.22
O2 EDO F . 24.03 9.08 2.88
C1 EDO G . 19.61 1.76 -12.50
O1 EDO G . 19.77 2.90 -11.72
C2 EDO G . 20.93 1.45 -13.19
O2 EDO G . 20.83 0.22 -13.84
C1 EDO H . -5.15 1.11 2.35
O1 EDO H . -5.22 2.04 1.30
C2 EDO H . -3.73 1.09 2.88
O2 EDO H . -2.84 0.82 1.82
NA NA I . 2.10 -5.80 -21.86
C ACT J . 17.52 -8.30 6.57
O ACT J . 16.32 -8.09 6.22
OXT ACT J . 17.95 -7.79 7.64
CH3 ACT J . 18.46 -9.14 5.69
#